data_6WGP
#
_entry.id   6WGP
#
_cell.length_a   97.262
_cell.length_b   66.894
_cell.length_c   43.895
_cell.angle_alpha   90.000
_cell.angle_beta   112.656
_cell.angle_gamma   90.000
#
_symmetry.space_group_name_H-M   'C 1 2 1'
#
loop_
_entity.id
_entity.type
_entity.pdbx_description
1 polymer Beta-lactamase
2 non-polymer 2-AMINO-2-HYDROXYMETHYL-PROPANE-1,3-DIOL
3 non-polymer 'FORMIC ACID'
4 non-polymer 1,2-ETHANEDIOL
5 water water
#
_entity_poly.entity_id   1
_entity_poly.type   'polypeptide(L)'
_entity_poly.pdbx_seq_one_letter_code
;SNALSPVVNVDD(MSE)LRARWAEIQRGTGGRLGTCLLDSGSGWRIGQRENERFP(MSE)CSTFKFVLAAAVLQRVDKGE
LRLTQQIKIRASD(MSE)LEHAPVTERHVGGSLSVAELCQAT(MSE)IHSDNPAANLLFPLIGDPPGLTRFLRGIGDTKT
RSDRLEPA(MSE)NGFAPGEPRDTTTPAA(MSE)AATLRTLLLGDALQPASRKQLTAW(MSE)IDNRTGDDCLRAGLPRD
WKIGDKTGSNGTDTRNDIAIIWPPGRAAPLLLTAYLNGATVDAAARDAALKAVAEAVRDLVG
;
_entity_poly.pdbx_strand_id   A
#
loop_
_chem_comp.id
_chem_comp.type
_chem_comp.name
_chem_comp.formula
EDO non-polymer 1,2-ETHANEDIOL 'C2 H6 O2'
FMT non-polymer 'FORMIC ACID' 'C H2 O2'
TRS non-polymer 2-AMINO-2-HYDROXYMETHYL-PROPANE-1,3-DIOL 'C4 H12 N O3 1'
#
# COMPACT_ATOMS: atom_id res chain seq x y z
N VAL A 7 -3.20 -24.71 -26.23
CA VAL A 7 -2.80 -23.39 -26.70
C VAL A 7 -2.50 -22.45 -25.54
N VAL A 8 -2.09 -21.23 -25.88
CA VAL A 8 -1.86 -20.18 -24.90
C VAL A 8 -3.20 -19.75 -24.31
N ASN A 9 -3.31 -19.75 -22.98
CA ASN A 9 -4.55 -19.33 -22.34
C ASN A 9 -4.43 -17.92 -21.77
N VAL A 10 -5.50 -17.46 -21.12
CA VAL A 10 -5.49 -16.11 -20.57
C VAL A 10 -4.51 -15.99 -19.40
N ASP A 11 -4.34 -17.06 -18.60
CA ASP A 11 -3.33 -17.02 -17.54
C ASP A 11 -1.92 -16.91 -18.12
N ASP A 12 -1.67 -17.65 -19.20
CA ASP A 12 -0.37 -17.55 -19.88
C ASP A 12 -0.13 -16.12 -20.37
N MSE A 13 -1.14 -15.51 -20.97
CA MSE A 13 -0.97 -14.17 -21.51
C MSE A 13 -0.72 -13.16 -20.42
O MSE A 13 0.09 -12.23 -20.60
CB MSE A 13 -2.18 -13.77 -22.36
CG MSE A 13 -2.21 -14.53 -23.69
SE MSE A 13 -3.87 -14.23 -24.61
CE MSE A 13 -3.53 -12.52 -25.39
N LEU A 14 -1.39 -13.33 -19.28
CA LEU A 14 -1.17 -12.45 -18.14
C LEU A 14 0.24 -12.58 -17.60
N ARG A 15 0.72 -13.83 -17.40
CA ARG A 15 2.08 -14.02 -16.93
CA ARG A 15 2.08 -14.02 -16.93
C ARG A 15 3.09 -13.47 -17.92
N ALA A 16 2.84 -13.66 -19.22
CA ALA A 16 3.77 -13.15 -20.23
C ALA A 16 3.82 -11.62 -20.22
N ARG A 17 2.66 -10.94 -20.04
CA ARG A 17 2.68 -9.48 -20.00
C ARG A 17 3.53 -8.97 -18.84
N TRP A 18 3.36 -9.56 -17.66
CA TRP A 18 4.14 -9.14 -16.51
C TRP A 18 5.62 -9.43 -16.71
N ALA A 19 5.95 -10.53 -17.40
CA ALA A 19 7.35 -10.83 -17.68
C ALA A 19 7.95 -9.84 -18.68
N GLU A 20 7.17 -9.43 -19.69
CA GLU A 20 7.64 -8.44 -20.67
C GLU A 20 7.88 -7.09 -20.01
N ILE A 21 6.96 -6.66 -19.13
CA ILE A 21 7.17 -5.41 -18.41
C ILE A 21 8.48 -5.45 -17.65
N GLN A 22 8.71 -6.54 -16.90
CA GLN A 22 9.93 -6.70 -16.12
C GLN A 22 11.17 -6.71 -17.01
N ARG A 23 11.09 -7.37 -18.16
CA ARG A 23 12.21 -7.37 -19.09
C ARG A 23 12.56 -5.95 -19.55
N GLY A 24 11.54 -5.10 -19.70
CA GLY A 24 11.79 -3.72 -20.11
C GLY A 24 12.28 -2.81 -19.01
N THR A 25 11.84 -3.02 -17.78
CA THR A 25 12.20 -2.07 -16.73
C THR A 25 13.59 -2.32 -16.15
N GLY A 26 14.09 -3.56 -16.25
CA GLY A 26 15.20 -4.01 -15.44
C GLY A 26 14.68 -4.27 -14.02
N GLY A 27 15.57 -4.76 -13.16
CA GLY A 27 15.13 -4.98 -11.77
C GLY A 27 14.19 -6.18 -11.66
N ARG A 28 13.40 -6.16 -10.61
CA ARG A 28 12.41 -7.21 -10.35
C ARG A 28 11.04 -6.58 -10.23
N LEU A 29 10.06 -7.14 -10.94
CA LEU A 29 8.67 -6.75 -10.79
C LEU A 29 7.93 -7.90 -10.10
N GLY A 30 7.45 -7.66 -8.89
CA GLY A 30 6.63 -8.62 -8.20
C GLY A 30 5.19 -8.17 -8.25
N THR A 31 4.31 -9.09 -8.63
CA THR A 31 2.88 -8.81 -8.66
C THR A 31 2.11 -9.95 -8.03
N CYS A 32 0.91 -9.60 -7.55
CA CYS A 32 -0.04 -10.60 -7.11
C CYS A 32 -1.45 -10.07 -7.38
N LEU A 33 -2.26 -10.85 -8.12
CA LEU A 33 -3.66 -10.56 -8.30
C LEU A 33 -4.46 -11.63 -7.56
N LEU A 34 -5.34 -11.21 -6.65
CA LEU A 34 -6.09 -12.12 -5.80
C LEU A 34 -7.58 -11.81 -5.92
N ASP A 35 -8.37 -12.80 -6.34
CA ASP A 35 -9.81 -12.63 -6.46
C ASP A 35 -10.44 -12.86 -5.09
N SER A 36 -11.01 -11.80 -4.48
CA SER A 36 -11.54 -11.97 -3.12
C SER A 36 -12.83 -12.78 -3.10
N GLY A 37 -13.41 -13.03 -4.27
CA GLY A 37 -14.63 -13.81 -4.32
C GLY A 37 -14.37 -15.30 -4.32
N SER A 38 -13.44 -15.74 -5.17
CA SER A 38 -13.17 -17.16 -5.32
C SER A 38 -11.89 -17.61 -4.64
N GLY A 39 -11.00 -16.68 -4.28
CA GLY A 39 -9.68 -17.01 -3.77
C GLY A 39 -8.65 -17.33 -4.84
N TRP A 40 -9.03 -17.34 -6.10
CA TRP A 40 -8.04 -17.57 -7.14
C TRP A 40 -6.95 -16.51 -7.09
N ARG A 41 -5.71 -16.93 -7.39
CA ARG A 41 -4.55 -16.06 -7.23
C ARG A 41 -3.55 -16.33 -8.36
N ILE A 42 -2.91 -15.27 -8.86
CA ILE A 42 -1.84 -15.43 -9.84
C ILE A 42 -0.82 -14.31 -9.63
N GLY A 43 0.44 -14.56 -10.00
CA GLY A 43 1.41 -13.54 -9.66
C GLY A 43 2.73 -13.78 -10.38
N GLN A 44 3.66 -12.86 -10.12
CA GLN A 44 5.03 -12.98 -10.58
C GLN A 44 5.92 -12.62 -9.41
N ARG A 45 6.92 -13.46 -9.12
CA ARG A 45 7.78 -13.28 -7.96
C ARG A 45 6.97 -13.06 -6.69
N GLU A 46 5.80 -13.73 -6.60
CA GLU A 46 4.85 -13.33 -5.56
C GLU A 46 5.31 -13.67 -4.15
N ASN A 47 6.31 -14.53 -3.98
CA ASN A 47 6.82 -14.90 -2.66
C ASN A 47 8.18 -14.30 -2.36
N GLU A 48 8.69 -13.43 -3.23
CA GLU A 48 9.97 -12.76 -3.01
C GLU A 48 9.78 -11.48 -2.21
N ARG A 49 10.83 -11.09 -1.49
CA ARG A 49 10.79 -9.88 -0.68
C ARG A 49 11.06 -8.63 -1.50
N PHE A 50 10.25 -7.59 -1.26
CA PHE A 50 10.44 -6.27 -1.84
C PHE A 50 10.36 -5.22 -0.75
N PRO A 51 11.06 -4.11 -0.92
CA PRO A 51 10.92 -2.99 0.04
C PRO A 51 9.55 -2.34 -0.11
N MSE A 52 8.93 -2.04 1.02
CA MSE A 52 7.57 -1.50 0.97
C MSE A 52 7.49 -0.03 0.54
O MSE A 52 6.47 0.37 -0.07
CB MSE A 52 6.85 -1.63 2.33
CG MSE A 52 6.42 -3.05 2.66
SE MSE A 52 5.34 -2.98 4.27
CE MSE A 52 6.76 -2.92 5.58
N CYS A 53 8.51 0.76 0.91
CA CYS A 53 8.38 2.21 0.85
C CYS A 53 7.05 2.63 1.46
N SER A 54 6.40 3.66 0.93
CA SER A 54 5.18 4.16 1.57
C SER A 54 4.00 3.20 1.56
N THR A 55 4.08 2.03 0.91
CA THR A 55 2.94 1.13 1.06
C THR A 55 2.76 0.66 2.49
N PHE A 56 3.77 0.77 3.35
CA PHE A 56 3.57 0.39 4.74
C PHE A 56 2.52 1.25 5.40
N LYS A 57 2.25 2.45 4.87
CA LYS A 57 1.29 3.33 5.54
C LYS A 57 -0.10 2.75 5.58
N PHE A 58 -0.47 1.94 4.58
CA PHE A 58 -1.73 1.21 4.64
C PHE A 58 -1.82 0.35 5.90
N VAL A 59 -0.76 -0.41 6.21
CA VAL A 59 -0.85 -1.26 7.39
C VAL A 59 -0.75 -0.44 8.68
N LEU A 60 -0.02 0.68 8.64
CA LEU A 60 0.02 1.55 9.82
C LEU A 60 -1.36 2.11 10.13
N ALA A 61 -2.07 2.61 9.12
CA ALA A 61 -3.41 3.14 9.39
C ALA A 61 -4.34 2.06 9.92
N ALA A 62 -4.22 0.84 9.36
CA ALA A 62 -5.01 -0.29 9.85
CA ALA A 62 -5.01 -0.29 9.85
C ALA A 62 -4.70 -0.61 11.31
N ALA A 63 -3.41 -0.59 11.70
CA ALA A 63 -3.02 -0.82 13.08
C ALA A 63 -3.64 0.24 14.01
N VAL A 64 -3.69 1.50 13.54
CA VAL A 64 -4.29 2.55 14.36
C VAL A 64 -5.77 2.26 14.53
N LEU A 65 -6.43 1.87 13.43
CA LEU A 65 -7.87 1.59 13.53
C LEU A 65 -8.17 0.38 14.40
N GLN A 66 -7.28 -0.61 14.43
CA GLN A 66 -7.55 -1.74 15.30
CA GLN A 66 -7.47 -1.76 15.30
C GLN A 66 -7.50 -1.32 16.77
N ARG A 67 -6.63 -0.38 17.13
CA ARG A 67 -6.65 0.12 18.49
C ARG A 67 -7.92 0.92 18.76
N VAL A 68 -8.39 1.67 17.74
CA VAL A 68 -9.67 2.37 17.86
C VAL A 68 -10.79 1.37 18.09
N ASP A 69 -10.78 0.25 17.35
CA ASP A 69 -11.82 -0.79 17.48
C ASP A 69 -11.91 -1.36 18.89
N LYS A 70 -10.82 -1.34 19.63
CA LYS A 70 -10.75 -1.85 20.99
C LYS A 70 -10.94 -0.75 22.02
N GLY A 71 -11.20 0.48 21.58
CA GLY A 71 -11.42 1.55 22.54
C GLY A 71 -10.16 2.01 23.24
N GLU A 72 -9.00 1.71 22.67
CA GLU A 72 -7.72 2.06 23.26
C GLU A 72 -7.15 3.37 22.73
N LEU A 73 -7.64 3.86 21.59
CA LEU A 73 -7.21 5.13 21.04
CA LEU A 73 -7.21 5.11 21.01
C LEU A 73 -8.44 5.87 20.55
N ARG A 74 -8.40 7.20 20.70
CA ARG A 74 -9.46 8.07 20.20
C ARG A 74 -9.03 8.69 18.88
N LEU A 75 -9.88 8.57 17.86
CA LEU A 75 -9.62 9.22 16.57
C LEU A 75 -9.55 10.74 16.71
N THR A 76 -10.17 11.31 17.74
CA THR A 76 -10.16 12.75 17.95
C THR A 76 -9.00 13.23 18.83
N GLN A 77 -8.12 12.32 19.29
CA GLN A 77 -6.98 12.76 20.08
C GLN A 77 -6.10 13.69 19.25
N GLN A 78 -5.80 14.86 19.82
CA GLN A 78 -4.95 15.84 19.17
C GLN A 78 -3.47 15.51 19.40
N ILE A 79 -2.71 15.46 18.32
CA ILE A 79 -1.28 15.15 18.35
C ILE A 79 -0.54 16.42 17.95
N LYS A 80 0.40 16.86 18.79
CA LYS A 80 1.18 18.05 18.47
C LYS A 80 2.11 17.80 17.29
N ILE A 81 2.19 18.78 16.40
CA ILE A 81 3.11 18.73 15.27
C ILE A 81 4.19 19.77 15.52
N ARG A 82 5.43 19.30 15.62
CA ARG A 82 6.55 20.15 15.96
C ARG A 82 7.48 20.33 14.76
N ALA A 83 8.25 21.41 14.79
CA ALA A 83 9.19 21.68 13.70
C ALA A 83 10.16 20.51 13.51
N SER A 84 10.58 19.88 14.60
CA SER A 84 11.52 18.77 14.51
C SER A 84 10.89 17.52 13.88
N ASP A 85 9.56 17.45 13.76
CA ASP A 85 8.91 16.34 13.09
C ASP A 85 8.95 16.47 11.57
N MSE A 86 9.34 17.62 11.03
CA MSE A 86 9.25 17.84 9.58
C MSE A 86 10.24 17.03 8.74
O MSE A 86 11.41 16.84 9.11
CB MSE A 86 9.39 19.33 9.25
CG MSE A 86 8.12 20.14 9.49
SE MSE A 86 6.58 19.48 8.46
CE MSE A 86 5.77 18.49 9.90
N LEU A 87 9.75 16.62 7.58
CA LEU A 87 10.51 15.91 6.57
C LEU A 87 10.01 16.39 5.21
N GLU A 88 10.73 16.00 4.16
CA GLU A 88 10.52 16.50 2.81
C GLU A 88 9.05 16.56 2.37
N HIS A 89 8.36 15.42 2.37
CA HIS A 89 7.03 15.32 1.76
C HIS A 89 5.97 15.25 2.86
N ALA A 90 5.26 16.35 3.07
CA ALA A 90 4.43 16.50 4.26
C ALA A 90 3.25 17.38 3.90
N PRO A 91 2.42 16.99 2.92
CA PRO A 91 1.46 17.96 2.36
C PRO A 91 0.46 18.51 3.36
N VAL A 92 0.08 17.73 4.37
CA VAL A 92 -0.85 18.24 5.39
C VAL A 92 -0.10 18.76 6.61
N THR A 93 0.82 17.95 7.16
CA THR A 93 1.44 18.32 8.43
C THR A 93 2.29 19.57 8.30
N GLU A 94 2.85 19.85 7.11
CA GLU A 94 3.69 21.05 6.99
C GLU A 94 2.89 22.32 7.18
N ARG A 95 1.58 22.26 7.02
CA ARG A 95 0.72 23.41 7.22
CA ARG A 95 0.72 23.41 7.22
C ARG A 95 0.28 23.57 8.68
N HIS A 96 0.68 22.66 9.56
CA HIS A 96 0.22 22.70 10.94
C HIS A 96 1.37 22.66 11.95
N VAL A 97 2.58 23.02 11.52
CA VAL A 97 3.70 23.08 12.44
C VAL A 97 3.40 24.11 13.52
N GLY A 98 3.58 23.71 14.77
CA GLY A 98 3.28 24.56 15.91
C GLY A 98 1.87 24.37 16.43
N GLY A 99 1.06 23.58 15.74
CA GLY A 99 -0.29 23.30 16.14
C GLY A 99 -0.49 21.81 16.34
N SER A 100 -1.69 21.32 16.05
CA SER A 100 -1.96 19.90 16.24
C SER A 100 -2.97 19.43 15.22
N LEU A 101 -3.05 18.12 15.09
CA LEU A 101 -4.04 17.48 14.21
C LEU A 101 -4.57 16.25 14.93
N SER A 102 -5.80 15.88 14.63
CA SER A 102 -6.34 14.68 15.25
C SER A 102 -5.69 13.44 14.65
N VAL A 103 -5.77 12.33 15.40
CA VAL A 103 -5.32 11.04 14.89
C VAL A 103 -5.97 10.71 13.55
N ALA A 104 -7.29 10.93 13.45
CA ALA A 104 -7.98 10.66 12.19
C ALA A 104 -7.40 11.52 11.06
N GLU A 105 -7.11 12.80 11.35
CA GLU A 105 -6.54 13.68 10.32
C GLU A 105 -5.14 13.22 9.90
N LEU A 106 -4.34 12.73 10.86
CA LEU A 106 -3.02 12.20 10.51
C LEU A 106 -3.14 10.94 9.67
N CYS A 107 -4.07 10.03 10.01
CA CYS A 107 -4.29 8.84 9.21
C CYS A 107 -4.66 9.22 7.78
N GLN A 108 -5.62 10.15 7.65
CA GLN A 108 -6.01 10.59 6.30
C GLN A 108 -4.80 11.13 5.54
N ALA A 109 -3.99 11.94 6.20
CA ALA A 109 -2.84 12.56 5.55
C ALA A 109 -1.82 11.52 5.11
N THR A 110 -1.53 10.53 5.98
CA THR A 110 -0.57 9.48 5.60
CA THR A 110 -0.56 9.54 5.56
C THR A 110 -1.10 8.63 4.45
N MSE A 111 -2.42 8.38 4.44
CA MSE A 111 -3.03 7.56 3.36
C MSE A 111 -3.13 8.25 2.04
O MSE A 111 -2.63 7.71 1.03
CB MSE A 111 -4.43 7.07 3.79
CG MSE A 111 -4.39 6.06 4.92
SE MSE A 111 -3.48 4.42 4.39
CE MSE A 111 -4.80 3.80 3.10
N ILE A 112 -3.76 9.42 1.99
CA ILE A 112 -4.13 10.02 0.71
C ILE A 112 -3.05 10.94 0.16
N HIS A 113 -2.17 11.46 1.02
CA HIS A 113 -1.06 12.30 0.59
C HIS A 113 0.30 11.70 0.89
N SER A 114 0.34 10.49 1.45
CA SER A 114 1.61 9.84 1.81
C SER A 114 2.45 10.71 2.76
N ASP A 115 1.78 11.45 3.64
CA ASP A 115 2.45 12.41 4.51
C ASP A 115 3.44 11.70 5.44
N ASN A 116 4.75 12.07 5.34
CA ASN A 116 5.77 11.37 6.12
C ASN A 116 5.74 11.70 7.61
N PRO A 117 5.76 12.97 8.03
CA PRO A 117 5.63 13.25 9.47
C PRO A 117 4.35 12.67 10.07
N ALA A 118 3.24 12.67 9.32
CA ALA A 118 2.03 12.07 9.84
C ALA A 118 2.25 10.60 10.22
N ALA A 119 2.92 9.84 9.35
CA ALA A 119 3.16 8.44 9.68
C ALA A 119 4.05 8.31 10.91
N ASN A 120 5.11 9.12 10.97
CA ASN A 120 6.02 9.04 12.12
C ASN A 120 5.31 9.39 13.42
N LEU A 121 4.34 10.31 13.36
CA LEU A 121 3.61 10.70 14.55
C LEU A 121 2.60 9.63 14.99
N LEU A 122 2.10 8.83 14.05
CA LEU A 122 1.19 7.75 14.41
C LEU A 122 1.93 6.54 14.96
N PHE A 123 3.17 6.31 14.53
CA PHE A 123 3.89 5.10 14.91
C PHE A 123 3.87 4.81 16.40
N PRO A 124 4.19 5.74 17.30
CA PRO A 124 4.24 5.38 18.72
C PRO A 124 2.88 4.98 19.27
N LEU A 125 1.79 5.46 18.66
CA LEU A 125 0.46 5.12 19.15
C LEU A 125 0.15 3.64 18.94
N ILE A 126 0.88 2.95 18.06
CA ILE A 126 0.66 1.52 17.86
C ILE A 126 1.88 0.68 18.24
N GLY A 127 2.81 1.28 19.00
CA GLY A 127 3.95 0.54 19.47
C GLY A 127 5.17 0.59 18.59
N ASP A 128 5.27 1.59 17.69
CA ASP A 128 6.48 1.80 16.86
C ASP A 128 6.63 0.64 15.88
N PRO A 129 7.70 0.52 15.12
CA PRO A 129 7.79 -0.58 14.15
C PRO A 129 7.65 -1.97 14.77
N PRO A 130 8.17 -2.22 15.98
CA PRO A 130 7.91 -3.54 16.58
C PRO A 130 6.42 -3.80 16.83
N GLY A 131 5.69 -2.78 17.28
CA GLY A 131 4.24 -2.93 17.42
C GLY A 131 3.52 -3.12 16.10
N LEU A 132 3.98 -2.47 15.05
CA LEU A 132 3.35 -2.69 13.75
C LEU A 132 3.61 -4.12 13.27
N THR A 133 4.82 -4.65 13.53
CA THR A 133 5.08 -6.04 13.16
C THR A 133 4.22 -7.00 13.97
N ARG A 134 4.03 -6.74 15.28
CA ARG A 134 3.15 -7.58 16.07
C ARG A 134 1.71 -7.52 15.55
N PHE A 135 1.28 -6.34 15.11
CA PHE A 135 -0.07 -6.23 14.55
C PHE A 135 -0.21 -7.11 13.31
N LEU A 136 0.81 -7.12 12.46
CA LEU A 136 0.76 -7.92 11.24
C LEU A 136 0.71 -9.41 11.57
N ARG A 137 1.58 -9.87 12.49
CA ARG A 137 1.51 -11.29 12.87
C ARG A 137 0.14 -11.64 13.43
N GLY A 138 -0.47 -10.70 14.17
CA GLY A 138 -1.73 -10.96 14.81
C GLY A 138 -2.89 -11.11 13.84
N ILE A 139 -2.80 -10.50 12.66
CA ILE A 139 -3.83 -10.64 11.64
C ILE A 139 -3.52 -11.74 10.64
N GLY A 140 -2.42 -12.47 10.84
CA GLY A 140 -2.13 -13.62 10.02
C GLY A 140 -1.10 -13.41 8.93
N ASP A 141 -0.49 -12.23 8.87
CA ASP A 141 0.59 -11.96 7.93
C ASP A 141 1.89 -12.40 8.59
N THR A 142 2.52 -13.44 8.06
CA THR A 142 3.76 -13.97 8.63
C THR A 142 5.02 -13.43 7.96
N LYS A 143 4.90 -12.62 6.91
CA LYS A 143 6.06 -12.17 6.14
C LYS A 143 6.37 -10.69 6.31
N THR A 144 5.36 -9.84 6.18
CA THR A 144 5.58 -8.39 6.18
C THR A 144 6.18 -7.95 7.51
N ARG A 145 7.10 -6.99 7.46
CA ARG A 145 7.75 -6.56 8.70
C ARG A 145 8.08 -5.09 8.60
N SER A 146 7.90 -4.39 9.73
CA SER A 146 8.21 -2.98 9.85
C SER A 146 9.34 -2.83 10.86
N ASP A 147 10.34 -2.02 10.53
CA ASP A 147 11.56 -1.94 11.32
C ASP A 147 12.00 -0.51 11.58
N ARG A 148 11.70 0.41 10.68
CA ARG A 148 12.25 1.77 10.74
C ARG A 148 11.15 2.78 10.51
N LEU A 149 11.44 4.04 10.87
CA LEU A 149 10.54 5.16 10.59
C LEU A 149 10.88 5.76 9.23
N GLU A 150 10.06 6.70 8.77
CA GLU A 150 10.48 7.51 7.64
C GLU A 150 11.53 8.53 8.09
N PRO A 151 12.59 8.77 7.31
CA PRO A 151 12.78 8.26 5.93
C PRO A 151 13.67 7.02 5.83
N ALA A 152 14.22 6.54 6.95
CA ALA A 152 15.21 5.48 6.88
C ALA A 152 14.62 4.17 6.39
N MSE A 153 13.32 3.96 6.56
CA MSE A 153 12.71 2.70 6.16
C MSE A 153 12.81 2.46 4.65
O MSE A 153 12.60 1.34 4.18
CB MSE A 153 11.24 2.64 6.60
CG MSE A 153 10.31 3.72 6.02
SE MSE A 153 9.53 3.21 4.32
CE MSE A 153 8.93 1.41 4.78
N ASN A 154 13.11 3.51 3.89
CA ASN A 154 13.23 3.31 2.45
C ASN A 154 14.50 2.57 2.05
N GLY A 155 15.49 2.46 2.95
CA GLY A 155 16.75 1.82 2.57
C GLY A 155 16.54 0.35 2.24
N PHE A 156 17.21 -0.10 1.19
CA PHE A 156 17.09 -1.49 0.76
C PHE A 156 18.27 -1.80 -0.13
N ALA A 157 18.79 -3.02 0.00
CA ALA A 157 19.73 -3.62 -0.92
C ALA A 157 19.37 -5.10 -1.00
N PRO A 158 19.77 -5.79 -2.07
CA PRO A 158 19.43 -7.22 -2.16
C PRO A 158 19.76 -7.94 -0.86
N GLY A 159 18.79 -8.69 -0.36
CA GLY A 159 18.95 -9.39 0.89
C GLY A 159 18.59 -8.61 2.14
N GLU A 160 18.43 -7.29 2.05
CA GLU A 160 17.99 -6.50 3.21
C GLU A 160 16.59 -6.95 3.60
N PRO A 161 16.40 -7.49 4.81
CA PRO A 161 15.06 -7.96 5.20
C PRO A 161 14.18 -6.87 5.78
N ARG A 162 14.77 -5.79 6.30
CA ARG A 162 13.95 -4.81 7.00
C ARG A 162 12.96 -4.10 6.09
N ASP A 163 11.77 -3.86 6.63
CA ASP A 163 10.78 -3.03 5.97
C ASP A 163 10.34 -3.60 4.62
N THR A 164 10.20 -4.93 4.56
CA THR A 164 9.80 -5.64 3.34
C THR A 164 8.45 -6.33 3.47
N THR A 165 7.88 -6.64 2.32
CA THR A 165 6.74 -7.52 2.20
C THR A 165 6.96 -8.45 1.02
N THR A 166 5.99 -9.31 0.73
CA THR A 166 5.98 -10.03 -0.54
C THR A 166 4.69 -9.66 -1.26
N PRO A 167 4.65 -9.76 -2.58
CA PRO A 167 3.38 -9.43 -3.27
C PRO A 167 2.21 -10.25 -2.78
N ALA A 168 2.41 -11.56 -2.57
CA ALA A 168 1.30 -12.40 -2.13
C ALA A 168 0.92 -12.11 -0.68
N ALA A 169 1.89 -11.87 0.21
CA ALA A 169 1.52 -11.54 1.58
C ALA A 169 0.73 -10.25 1.64
N MSE A 170 1.14 -9.25 0.87
CA MSE A 170 0.46 -7.96 0.94
C MSE A 170 -0.95 -8.04 0.33
O MSE A 170 -1.88 -7.39 0.81
CB MSE A 170 1.29 -6.83 0.32
CG MSE A 170 0.67 -5.44 0.50
SE MSE A 170 0.34 -4.86 2.33
CE MSE A 170 2.16 -4.29 2.72
N ALA A 171 -1.11 -8.85 -0.72
CA ALA A 171 -2.45 -9.07 -1.25
C ALA A 171 -3.36 -9.74 -0.23
N ALA A 172 -2.85 -10.74 0.49
CA ALA A 172 -3.64 -11.37 1.53
C ALA A 172 -3.95 -10.38 2.65
N THR A 173 -3.02 -9.47 2.95
CA THR A 173 -3.25 -8.54 4.04
C THR A 173 -4.27 -7.46 3.65
N LEU A 174 -4.22 -7.00 2.40
CA LEU A 174 -5.31 -6.18 1.84
C LEU A 174 -6.64 -6.86 2.02
N ARG A 175 -6.73 -8.13 1.62
CA ARG A 175 -8.00 -8.86 1.72
C ARG A 175 -8.47 -8.95 3.17
N THR A 176 -7.57 -9.34 4.08
CA THR A 176 -7.95 -9.50 5.48
C THR A 176 -8.47 -8.19 6.07
N LEU A 177 -7.77 -7.09 5.81
CA LEU A 177 -8.06 -5.83 6.49
C LEU A 177 -9.24 -5.10 5.87
N LEU A 178 -9.39 -5.15 4.54
CA LEU A 178 -10.47 -4.44 3.85
C LEU A 178 -11.75 -5.25 3.76
N LEU A 179 -11.65 -6.58 3.77
CA LEU A 179 -12.78 -7.44 3.45
C LEU A 179 -13.05 -8.53 4.47
N GLY A 180 -12.14 -8.78 5.40
CA GLY A 180 -12.31 -9.77 6.45
C GLY A 180 -12.87 -9.16 7.72
N ASP A 181 -12.55 -9.77 8.85
CA ASP A 181 -13.09 -9.28 10.11
C ASP A 181 -12.01 -8.83 11.08
N ALA A 182 -10.76 -8.67 10.63
CA ALA A 182 -9.71 -8.14 11.50
C ALA A 182 -10.07 -6.76 12.03
N LEU A 183 -10.71 -5.93 11.21
CA LEU A 183 -11.22 -4.63 11.63
C LEU A 183 -12.75 -4.66 11.72
N GLN A 184 -13.29 -3.83 12.61
CA GLN A 184 -14.73 -3.65 12.72
C GLN A 184 -15.27 -2.96 11.46
N PRO A 185 -16.58 -3.08 11.20
CA PRO A 185 -17.14 -2.46 9.98
C PRO A 185 -16.83 -0.98 9.80
N ALA A 186 -16.95 -0.16 10.84
CA ALA A 186 -16.68 1.27 10.68
C ALA A 186 -15.25 1.49 10.23
N SER A 187 -14.32 0.68 10.75
CA SER A 187 -12.92 0.86 10.39
C SER A 187 -12.64 0.35 8.98
N ARG A 188 -13.27 -0.77 8.59
CA ARG A 188 -13.07 -1.22 7.20
C ARG A 188 -13.56 -0.17 6.22
N LYS A 189 -14.70 0.43 6.51
CA LYS A 189 -15.27 1.46 5.63
C LYS A 189 -14.34 2.67 5.58
N GLN A 190 -13.83 3.10 6.74
CA GLN A 190 -12.99 4.29 6.79
C GLN A 190 -11.68 4.08 6.05
N LEU A 191 -11.05 2.92 6.23
CA LEU A 191 -9.79 2.63 5.56
C LEU A 191 -10.01 2.53 4.06
N THR A 192 -11.09 1.87 3.65
CA THR A 192 -11.42 1.74 2.23
C THR A 192 -11.65 3.12 1.62
N ALA A 193 -12.35 4.00 2.34
CA ALA A 193 -12.64 5.31 1.79
C ALA A 193 -11.35 6.12 1.61
N TRP A 194 -10.41 6.01 2.56
CA TRP A 194 -9.13 6.69 2.37
C TRP A 194 -8.42 6.18 1.12
N MSE A 195 -8.38 4.87 0.91
CA MSE A 195 -7.70 4.36 -0.28
CA MSE A 195 -7.74 4.28 -0.29
C MSE A 195 -8.37 4.84 -1.56
O MSE A 195 -7.68 5.19 -2.51
CB MSE A 195 -7.63 2.85 -0.26
CB MSE A 195 -7.90 2.75 -0.31
CG MSE A 195 -6.81 2.38 0.88
CG MSE A 195 -7.04 2.01 0.72
SE MSE A 195 -6.56 0.50 0.84
SE MSE A 195 -5.19 1.74 0.18
CE MSE A 195 -5.55 0.30 -0.88
CE MSE A 195 -5.20 -0.14 -0.20
N ILE A 196 -9.70 4.90 -1.58
CA ILE A 196 -10.41 5.38 -2.75
C ILE A 196 -10.09 6.84 -3.01
N ASP A 197 -9.83 7.62 -1.95
CA ASP A 197 -9.55 9.05 -2.02
C ASP A 197 -8.07 9.36 -2.23
N ASN A 198 -7.24 8.35 -2.50
CA ASN A 198 -5.80 8.58 -2.61
C ASN A 198 -5.49 9.61 -3.69
N ARG A 199 -4.56 10.51 -3.40
CA ARG A 199 -4.20 11.57 -4.34
C ARG A 199 -2.88 11.33 -5.07
N THR A 200 -2.11 10.30 -4.71
CA THR A 200 -0.74 10.15 -5.19
C THR A 200 -0.57 9.09 -6.29
N GLY A 201 -1.63 8.38 -6.66
CA GLY A 201 -1.48 7.27 -7.59
C GLY A 201 -2.02 7.45 -9.01
N ASP A 202 -2.20 8.70 -9.46
CA ASP A 202 -2.85 8.92 -10.75
C ASP A 202 -2.05 8.35 -11.92
N ASP A 203 -0.74 8.18 -11.79
CA ASP A 203 0.08 7.70 -12.90
C ASP A 203 0.45 6.22 -12.79
N CYS A 204 -0.09 5.52 -11.81
CA CYS A 204 0.31 4.14 -11.50
C CYS A 204 -0.83 3.19 -11.90
N LEU A 205 -1.27 2.29 -11.04
CA LEU A 205 -2.30 1.32 -11.43
C LEU A 205 -3.56 2.02 -11.95
N ARG A 206 -3.96 3.14 -11.34
CA ARG A 206 -5.17 3.84 -11.77
C ARG A 206 -5.11 4.23 -13.24
N ALA A 207 -3.92 4.51 -13.76
CA ALA A 207 -3.83 4.98 -15.12
C ALA A 207 -4.07 3.88 -16.13
N GLY A 208 -4.09 2.62 -15.70
CA GLY A 208 -4.39 1.51 -16.60
C GLY A 208 -5.79 0.94 -16.50
N LEU A 209 -6.69 1.58 -15.76
CA LEU A 209 -8.05 1.08 -15.61
C LEU A 209 -9.07 2.05 -16.19
N PRO A 210 -10.20 1.55 -16.70
CA PRO A 210 -11.25 2.45 -17.20
C PRO A 210 -11.84 3.26 -16.06
N ARG A 211 -12.39 4.43 -16.41
CA ARG A 211 -12.87 5.37 -15.39
C ARG A 211 -14.01 4.80 -14.57
N ASP A 212 -14.72 3.80 -15.09
CA ASP A 212 -15.86 3.24 -14.37
C ASP A 212 -15.49 2.14 -13.38
N TRP A 213 -14.22 1.74 -13.30
CA TRP A 213 -13.77 0.79 -12.29
C TRP A 213 -13.42 1.54 -11.03
N LYS A 214 -14.08 1.20 -9.94
CA LYS A 214 -13.70 1.80 -8.67
C LYS A 214 -12.38 1.21 -8.20
N ILE A 215 -11.53 2.06 -7.63
CA ILE A 215 -10.22 1.60 -7.17
C ILE A 215 -9.82 2.42 -5.96
N GLY A 216 -9.24 1.74 -4.97
CA GLY A 216 -8.50 2.40 -3.91
C GLY A 216 -7.07 1.89 -3.96
N ASP A 217 -6.12 2.77 -3.61
CA ASP A 217 -4.73 2.35 -3.74
C ASP A 217 -3.83 3.13 -2.77
N LYS A 218 -2.64 2.58 -2.55
CA LYS A 218 -1.56 3.24 -1.82
C LYS A 218 -0.26 3.00 -2.56
N THR A 219 0.44 4.08 -2.88
CA THR A 219 1.70 4.06 -3.62
C THR A 219 2.91 4.02 -2.68
N GLY A 220 4.07 3.69 -3.26
CA GLY A 220 5.35 3.94 -2.60
C GLY A 220 6.42 4.13 -3.66
N SER A 221 7.49 4.81 -3.29
CA SER A 221 8.61 5.07 -4.19
C SER A 221 9.83 5.43 -3.36
N ASN A 222 11.01 5.15 -3.90
CA ASN A 222 12.23 5.62 -3.27
C ASN A 222 12.90 6.73 -4.05
N GLY A 223 12.34 7.13 -5.18
CA GLY A 223 12.87 8.21 -6.00
C GLY A 223 13.98 7.83 -6.95
N THR A 224 14.52 6.61 -6.86
CA THR A 224 15.70 6.27 -7.67
C THR A 224 15.53 5.01 -8.49
N ASP A 225 14.79 4.02 -7.97
CA ASP A 225 14.70 2.75 -8.69
C ASP A 225 13.51 1.90 -8.29
N THR A 226 12.68 2.35 -7.33
CA THR A 226 11.62 1.51 -6.80
C THR A 226 10.30 2.25 -6.88
N ARG A 227 9.28 1.59 -7.40
CA ARG A 227 7.94 2.16 -7.49
C ARG A 227 6.96 1.05 -7.21
N ASN A 228 6.06 1.28 -6.24
CA ASN A 228 5.11 0.26 -5.81
C ASN A 228 3.71 0.85 -5.77
N ASP A 229 2.71 -0.03 -5.92
CA ASP A 229 1.32 0.39 -5.77
C ASP A 229 0.50 -0.84 -5.39
N ILE A 230 -0.38 -0.68 -4.39
CA ILE A 230 -1.22 -1.78 -3.94
C ILE A 230 -2.66 -1.29 -3.98
N ALA A 231 -3.58 -2.14 -4.43
CA ALA A 231 -4.92 -1.63 -4.72
C ALA A 231 -6.00 -2.65 -4.43
N ILE A 232 -7.20 -2.13 -4.17
CA ILE A 232 -8.45 -2.89 -4.22
C ILE A 232 -9.27 -2.33 -5.37
N ILE A 233 -9.77 -3.23 -6.23
CA ILE A 233 -10.33 -2.86 -7.52
C ILE A 233 -11.67 -3.56 -7.70
N TRP A 234 -12.68 -2.81 -8.14
CA TRP A 234 -14.02 -3.37 -8.39
C TRP A 234 -14.33 -3.25 -9.88
N PRO A 235 -14.15 -4.31 -10.67
CA PRO A 235 -14.64 -4.28 -12.04
C PRO A 235 -16.15 -4.21 -12.02
N PRO A 236 -16.78 -3.42 -12.89
CA PRO A 236 -18.23 -3.19 -12.77
C PRO A 236 -19.00 -4.49 -12.89
N GLY A 237 -19.93 -4.70 -11.96
CA GLY A 237 -20.78 -5.87 -11.96
C GLY A 237 -20.19 -7.11 -11.32
N ARG A 238 -18.90 -7.13 -11.00
CA ARG A 238 -18.30 -8.34 -10.47
C ARG A 238 -18.77 -8.56 -9.02
N ALA A 239 -18.93 -9.82 -8.64
CA ALA A 239 -19.50 -10.14 -7.35
C ALA A 239 -18.60 -9.73 -6.19
N ALA A 240 -17.30 -9.61 -6.43
CA ALA A 240 -16.36 -9.28 -5.35
C ALA A 240 -15.14 -8.60 -5.94
N PRO A 241 -14.46 -7.74 -5.17
CA PRO A 241 -13.31 -7.03 -5.71
C PRO A 241 -12.05 -7.90 -5.83
N LEU A 242 -11.12 -7.39 -6.62
CA LEU A 242 -9.79 -7.95 -6.78
C LEU A 242 -8.81 -7.14 -5.93
N LEU A 243 -7.80 -7.82 -5.38
CA LEU A 243 -6.65 -7.17 -4.74
C LEU A 243 -5.47 -7.33 -5.70
N LEU A 244 -4.73 -6.24 -5.88
CA LEU A 244 -3.63 -6.23 -6.84
C LEU A 244 -2.46 -5.53 -6.18
N THR A 245 -1.33 -6.22 -6.09
CA THR A 245 -0.12 -5.62 -5.55
C THR A 245 0.93 -5.60 -6.65
N ALA A 246 1.70 -4.52 -6.70
CA ALA A 246 2.74 -4.40 -7.72
C ALA A 246 3.93 -3.70 -7.10
N TYR A 247 5.07 -4.40 -7.09
CA TYR A 247 6.30 -3.92 -6.47
C TYR A 247 7.40 -3.97 -7.52
N LEU A 248 7.93 -2.81 -7.89
CA LEU A 248 9.01 -2.72 -8.87
C LEU A 248 10.25 -2.20 -8.15
N ASN A 249 11.32 -2.97 -8.18
CA ASN A 249 12.48 -2.72 -7.32
C ASN A 249 13.75 -2.91 -8.14
N GLY A 250 14.68 -1.96 -8.09
CA GLY A 250 15.91 -2.10 -8.87
C GLY A 250 15.76 -1.78 -10.35
N ALA A 251 14.69 -1.08 -10.73
CA ALA A 251 14.48 -0.74 -12.13
C ALA A 251 15.56 0.23 -12.61
N THR A 252 16.00 0.04 -13.84
CA THR A 252 17.03 0.90 -14.41
C THR A 252 16.46 1.91 -15.40
N VAL A 253 15.15 1.93 -15.61
CA VAL A 253 14.50 2.95 -16.42
C VAL A 253 14.15 4.15 -15.55
N ASP A 254 13.78 5.27 -16.17
CA ASP A 254 13.56 6.50 -15.42
C ASP A 254 12.23 6.47 -14.64
N ALA A 255 11.96 7.56 -13.91
CA ALA A 255 10.84 7.58 -12.98
C ALA A 255 9.52 7.46 -13.72
N ALA A 256 9.36 8.18 -14.85
CA ALA A 256 8.11 8.09 -15.60
C ALA A 256 7.91 6.68 -16.16
N ALA A 257 9.00 6.03 -16.59
CA ALA A 257 8.89 4.66 -17.08
C ALA A 257 8.55 3.70 -15.94
N ARG A 258 9.02 3.99 -14.72
CA ARG A 258 8.63 3.14 -13.60
C ARG A 258 7.15 3.25 -13.30
N ASP A 259 6.60 4.48 -13.31
CA ASP A 259 5.15 4.65 -13.18
C ASP A 259 4.41 3.93 -14.30
N ALA A 260 4.89 4.10 -15.54
CA ALA A 260 4.21 3.51 -16.71
C ALA A 260 4.23 1.98 -16.67
N ALA A 261 5.24 1.41 -16.00
CA ALA A 261 5.28 -0.04 -15.79
C ALA A 261 4.11 -0.49 -14.91
N LEU A 262 3.81 0.27 -13.86
CA LEU A 262 2.67 -0.09 -13.02
C LEU A 262 1.35 0.12 -13.75
N LYS A 263 1.24 1.21 -14.53
CA LYS A 263 0.10 1.37 -15.44
C LYS A 263 -0.08 0.13 -16.33
N ALA A 264 1.02 -0.39 -16.86
CA ALA A 264 0.95 -1.56 -17.73
C ALA A 264 0.55 -2.81 -16.96
N VAL A 265 0.89 -2.90 -15.67
CA VAL A 265 0.47 -4.03 -14.87
C VAL A 265 -1.05 -4.05 -14.78
N ALA A 266 -1.63 -2.87 -14.54
CA ALA A 266 -3.08 -2.73 -14.45
C ALA A 266 -3.78 -2.94 -15.79
N GLU A 267 -3.18 -2.44 -16.88
CA GLU A 267 -3.75 -2.66 -18.20
C GLU A 267 -3.86 -4.16 -18.50
N ALA A 268 -2.87 -4.94 -18.05
CA ALA A 268 -2.92 -6.38 -18.25
C ALA A 268 -4.11 -6.99 -17.53
N VAL A 269 -4.38 -6.53 -16.31
CA VAL A 269 -5.55 -7.05 -15.60
C VAL A 269 -6.83 -6.58 -16.27
N ARG A 270 -6.89 -5.30 -16.63
CA ARG A 270 -8.04 -4.78 -17.40
C ARG A 270 -8.34 -5.60 -18.66
N ASP A 271 -7.32 -5.85 -19.47
CA ASP A 271 -7.52 -6.45 -20.78
C ASP A 271 -7.86 -7.93 -20.67
N LEU A 272 -7.27 -8.62 -19.71
CA LEU A 272 -7.32 -10.08 -19.69
C LEU A 272 -8.23 -10.65 -18.61
N VAL A 273 -8.45 -9.91 -17.52
CA VAL A 273 -9.27 -10.40 -16.43
C VAL A 273 -10.65 -9.74 -16.39
N GLY A 274 -10.79 -8.50 -16.85
CA GLY A 274 -12.12 -7.88 -16.98
C GLY A 274 -12.69 -7.96 -18.38
C TRS B . 5.73 8.30 -1.93
C TRS B . 5.83 8.77 -2.19
C1 TRS B . 7.04 7.55 -1.75
C1 TRS B . 7.27 8.29 -1.93
C2 TRS B . 5.90 9.52 -2.82
C2 TRS B . 5.90 9.90 -3.22
C3 TRS B . 4.63 7.42 -2.52
C3 TRS B . 4.96 7.62 -2.71
N TRS B . 5.32 8.79 -0.61
N TRS B . 5.27 9.28 -0.95
O1 TRS B . 6.89 6.35 -1.00
O1 TRS B . 7.37 7.51 -0.76
O2 TRS B . 4.67 10.20 -2.91
O2 TRS B . 4.64 10.14 -3.80
O3 TRS B . 4.99 7.08 -3.85
O3 TRS B . 3.73 7.50 -2.00
C FMT C . 17.21 5.47 -14.52
O1 FMT C . 18.03 4.56 -14.55
O2 FMT C . 17.23 6.43 -15.30
C1 EDO D . 10.05 -10.97 11.47
O1 EDO D . 10.52 -11.89 10.46
C2 EDO D . 11.21 -10.06 11.85
O2 EDO D . 10.84 -9.14 12.88
#